data_2XTB
#
_entry.id   2XTB
#
_cell.length_a   61.240
_cell.length_b   61.240
_cell.length_c   193.850
_cell.angle_alpha   90.00
_cell.angle_beta   90.00
_cell.angle_gamma   90.00
#
_symmetry.space_group_name_H-M   'P 41 21 2'
#
loop_
_entity.id
_entity.type
_entity.pdbx_description
1 polymer 'ADENOSINE KINASE'
2 non-polymer 4-[5-(4-PHENOXYPHENYL)-1H-PYRAZOL-3-YL]MORPHOLINE
3 water water
#
_entity_poly.entity_id   1
_entity_poly.type   'polypeptide(L)'
_entity_poly.pdbx_seq_one_letter_code
;GSMASAPLRVYVQCNPLLDVSAHVSDEFLVKYGLERGTAILLSERQKGIFDDIEKMPNVRYVPGGSGLNVARVAQWMQQA
YKGKFVTYVGCIADDRYGKVLKEAAEHEGIVMAVEHTTKAGSGACAVCITGKERTLVADLGAANHLSSEHMRSPAVVRAM
DESRIFYFSGFTLTVDVNHVLQACRKAREVDGLFMINLSAPFIMQFFSAQLGEVLPYTDIIVANRHEAKEFANMMKWDTD
CVEEIARRAVSEVPYTGTKGRVVVFTRDIESTVLATKDGVETVPVPQLDQDKVIDMNGAGDAFMGGFLSAYAVGKDLRRC
CETGHYTAQEVIQRDGCSFPEKPSFSP
;
_entity_poly.pdbx_strand_id   A
#
# COMPACT_ATOMS: atom_id res chain seq x y z
N SER A 2 -27.06 -14.54 10.28
CA SER A 2 -25.63 -14.71 9.91
C SER A 2 -25.18 -13.61 8.94
N MET A 3 -24.09 -13.88 8.22
CA MET A 3 -23.59 -12.99 7.17
C MET A 3 -23.51 -13.73 5.83
N ALA A 4 -23.08 -14.99 5.89
CA ALA A 4 -22.95 -15.87 4.71
C ALA A 4 -22.40 -15.14 3.47
N SER A 5 -21.28 -14.45 3.65
CA SER A 5 -20.81 -13.49 2.65
C SER A 5 -19.43 -13.78 2.06
N ALA A 6 -19.39 -13.85 0.73
CA ALA A 6 -18.15 -13.85 -0.03
C ALA A 6 -17.66 -12.40 -0.14
N PRO A 7 -16.33 -12.18 -0.07
CA PRO A 7 -15.80 -10.82 -0.09
C PRO A 7 -15.93 -10.18 -1.47
N LEU A 8 -15.96 -8.85 -1.50
CA LEU A 8 -16.07 -8.11 -2.75
C LEU A 8 -14.74 -8.13 -3.48
N ARG A 9 -14.80 -8.26 -4.81
CA ARG A 9 -13.59 -8.28 -5.64
C ARG A 9 -12.80 -7.00 -5.50
N VAL A 10 -11.58 -7.12 -4.99
CA VAL A 10 -10.72 -5.96 -4.75
C VAL A 10 -9.69 -5.79 -5.88
N TYR A 11 -9.56 -4.55 -6.33
CA TYR A 11 -8.58 -4.15 -7.31
C TYR A 11 -7.51 -3.32 -6.60
N VAL A 12 -6.26 -3.68 -6.80
CA VAL A 12 -5.14 -2.97 -6.18
C VAL A 12 -4.15 -2.57 -7.26
N GLN A 13 -3.80 -1.28 -7.29
CA GLN A 13 -2.76 -0.82 -8.20
C GLN A 13 -1.65 -0.13 -7.42
N CYS A 14 -0.41 -0.48 -7.75
CA CYS A 14 0.76 0.06 -7.08
C CYS A 14 2.03 -0.27 -7.85
N ASN A 15 3.18 0.09 -7.26
CA ASN A 15 4.49 -0.24 -7.79
C ASN A 15 5.03 -1.53 -7.17
N PRO A 16 5.05 -2.63 -7.94
CA PRO A 16 5.50 -3.91 -7.39
C PRO A 16 7.02 -4.01 -7.28
N LEU A 17 7.50 -4.28 -6.07
CA LEU A 17 8.92 -4.49 -5.83
C LEU A 17 9.16 -5.85 -5.21
N LEU A 18 10.23 -6.53 -5.62
CA LEU A 18 10.62 -7.77 -4.97
C LEU A 18 11.57 -7.45 -3.83
N ASP A 19 11.14 -7.73 -2.60
CA ASP A 19 12.01 -7.61 -1.45
C ASP A 19 13.09 -8.68 -1.54
N VAL A 20 14.32 -8.25 -1.84
CA VAL A 20 15.47 -9.13 -1.78
C VAL A 20 16.00 -8.96 -0.36
N SER A 21 15.67 -9.94 0.50
CA SER A 21 15.79 -9.77 1.94
C SER A 21 16.79 -10.74 2.55
N ALA A 22 17.79 -10.20 3.27
CA ALA A 22 18.81 -11.01 3.95
C ALA A 22 19.44 -10.33 5.17
N HIS A 23 19.75 -11.15 6.18
CA HIS A 23 20.56 -10.72 7.31
C HIS A 23 22.00 -10.50 6.81
N VAL A 24 22.49 -9.28 6.99
CA VAL A 24 23.83 -8.92 6.54
C VAL A 24 24.69 -8.43 7.70
N SER A 25 26.01 -8.46 7.51
CA SER A 25 26.95 -7.96 8.52
C SER A 25 26.97 -6.42 8.54
N ASP A 26 27.58 -5.86 9.59
CA ASP A 26 27.82 -4.41 9.66
C ASP A 26 28.75 -3.97 8.53
N GLU A 27 29.65 -4.87 8.12
CA GLU A 27 30.55 -4.62 7.01
C GLU A 27 29.81 -4.42 5.69
N PHE A 28 28.70 -5.12 5.53
CA PHE A 28 27.85 -5.01 4.33
C PHE A 28 27.24 -3.62 4.19
N LEU A 29 26.68 -3.10 5.28
CA LEU A 29 26.13 -1.75 5.30
C LEU A 29 27.21 -0.69 5.05
N VAL A 30 28.34 -0.83 5.75
CA VAL A 30 29.50 0.06 5.56
C VAL A 30 29.98 0.02 4.10
N LYS A 31 30.07 -1.18 3.53
CA LYS A 31 30.45 -1.34 2.14
C LYS A 31 29.58 -0.50 1.20
N TYR A 32 28.28 -0.46 1.46
CA TYR A 32 27.35 0.22 0.56
C TYR A 32 26.88 1.60 1.01
N GLY A 33 27.64 2.19 1.93
CA GLY A 33 27.40 3.55 2.41
C GLY A 33 26.05 3.72 3.07
N LEU A 34 25.55 2.64 3.66
CA LEU A 34 24.20 2.59 4.20
C LEU A 34 24.13 2.90 5.68
N GLU A 35 23.38 3.94 6.01
CA GLU A 35 23.08 4.25 7.40
C GLU A 35 21.99 3.29 7.88
N ARG A 36 22.23 2.66 9.03
CA ARG A 36 21.33 1.64 9.56
C ARG A 36 19.91 2.17 9.77
N GLY A 37 18.93 1.41 9.32
CA GLY A 37 17.52 1.71 9.56
C GLY A 37 16.89 2.78 8.68
N THR A 38 17.61 3.21 7.65
CA THR A 38 17.08 4.23 6.75
C THR A 38 16.70 3.63 5.40
N ALA A 39 15.62 4.13 4.82
CA ALA A 39 15.18 3.73 3.49
C ALA A 39 15.57 4.79 2.47
N ILE A 40 16.35 4.38 1.46
CA ILE A 40 16.80 5.29 0.41
C ILE A 40 16.62 4.65 -0.97
N LEU A 41 16.56 5.50 -2.00
CA LEU A 41 16.54 5.03 -3.38
C LEU A 41 17.95 4.69 -3.85
N LEU A 42 18.08 3.60 -4.59
CA LEU A 42 19.39 3.11 -5.04
C LEU A 42 20.11 4.11 -5.93
N SER A 43 21.30 4.53 -5.49
CA SER A 43 22.15 5.45 -6.25
C SER A 43 23.44 4.77 -6.71
N GLU A 44 24.37 5.57 -7.23
CA GLU A 44 25.68 5.07 -7.65
C GLU A 44 26.48 4.49 -6.48
N ARG A 45 26.21 5.00 -5.28
CA ARG A 45 26.89 4.58 -4.05
C ARG A 45 26.57 3.13 -3.68
N GLN A 46 25.41 2.64 -4.12
CA GLN A 46 24.97 1.28 -3.80
C GLN A 46 25.10 0.33 -4.99
N LYS A 47 26.02 0.66 -5.90
CA LYS A 47 26.23 -0.15 -7.10
C LYS A 47 26.80 -1.52 -6.72
N GLY A 48 26.02 -2.56 -7.00
CA GLY A 48 26.43 -3.94 -6.75
C GLY A 48 25.70 -4.63 -5.62
N ILE A 49 24.90 -3.86 -4.88
CA ILE A 49 24.21 -4.36 -3.68
C ILE A 49 23.33 -5.58 -3.92
N PHE A 50 22.59 -5.58 -5.03
CA PHE A 50 21.65 -6.66 -5.33
C PHE A 50 22.37 -7.96 -5.70
N ASP A 51 23.48 -7.83 -6.42
CA ASP A 51 24.33 -8.97 -6.75
C ASP A 51 25.02 -9.51 -5.50
N ASP A 52 25.25 -8.61 -4.54
CA ASP A 52 26.02 -8.91 -3.35
C ASP A 52 25.16 -9.46 -2.21
N ILE A 53 23.92 -9.01 -2.12
CA ILE A 53 22.98 -9.48 -1.08
C ILE A 53 22.49 -10.90 -1.37
N GLU A 54 22.58 -11.31 -2.64
CA GLU A 54 22.21 -12.66 -3.05
C GLU A 54 23.34 -13.67 -2.79
N LYS A 55 24.49 -13.17 -2.36
CA LYS A 55 25.59 -14.03 -1.92
C LYS A 55 25.27 -14.63 -0.56
N MET A 56 24.45 -13.92 0.22
CA MET A 56 24.05 -14.35 1.56
C MET A 56 23.20 -15.62 1.49
N PRO A 57 23.68 -16.71 2.11
CA PRO A 57 22.98 -17.99 2.04
C PRO A 57 21.56 -17.94 2.59
N ASN A 58 21.25 -16.91 3.37
CA ASN A 58 19.92 -16.78 3.98
C ASN A 58 18.95 -15.92 3.17
N VAL A 59 19.44 -15.37 2.06
CA VAL A 59 18.65 -14.42 1.26
C VAL A 59 17.27 -14.98 0.90
N ARG A 60 16.25 -14.13 1.06
CA ARG A 60 14.89 -14.52 0.75
C ARG A 60 14.24 -13.53 -0.23
N TYR A 61 13.33 -14.05 -1.03
CA TYR A 61 12.61 -13.25 -2.02
C TYR A 61 11.12 -13.28 -1.72
N VAL A 62 10.64 -12.20 -1.12
CA VAL A 62 9.20 -12.02 -0.88
C VAL A 62 8.69 -10.85 -1.73
N PRO A 63 7.55 -11.05 -2.42
CA PRO A 63 6.88 -9.97 -3.16
C PRO A 63 6.54 -8.79 -2.24
N GLY A 64 6.87 -7.58 -2.68
CA GLY A 64 6.73 -6.39 -1.83
C GLY A 64 6.30 -5.13 -2.55
N GLY A 65 6.47 -3.99 -1.87
CA GLY A 65 5.92 -2.73 -2.32
C GLY A 65 4.64 -2.47 -1.54
N SER A 66 4.42 -1.20 -1.18
CA SER A 66 3.29 -0.78 -0.35
C SER A 66 1.98 -1.47 -0.73
N GLY A 67 1.48 -1.19 -1.93
CA GLY A 67 0.20 -1.71 -2.39
C GLY A 67 0.13 -3.22 -2.55
N LEU A 68 1.24 -3.84 -2.94
CA LEU A 68 1.30 -5.29 -3.09
C LEU A 68 1.29 -6.00 -1.72
N ASN A 69 1.89 -5.37 -0.72
CA ASN A 69 1.82 -5.89 0.65
C ASN A 69 0.44 -5.71 1.26
N VAL A 70 -0.23 -4.61 0.91
CA VAL A 70 -1.63 -4.41 1.27
C VAL A 70 -2.49 -5.54 0.68
N ALA A 71 -2.25 -5.84 -0.61
CA ALA A 71 -2.98 -6.88 -1.31
C ALA A 71 -2.70 -8.27 -0.74
N ARG A 72 -1.46 -8.51 -0.34
CA ARG A 72 -1.05 -9.78 0.27
C ARG A 72 -1.71 -10.02 1.62
N VAL A 73 -1.75 -8.97 2.45
CA VAL A 73 -2.36 -9.04 3.78
C VAL A 73 -3.87 -9.21 3.68
N ALA A 74 -4.49 -8.51 2.75
CA ALA A 74 -5.93 -8.62 2.50
C ALA A 74 -6.31 -10.03 2.08
N GLN A 75 -5.48 -10.63 1.24
CA GLN A 75 -5.69 -12.00 0.76
C GLN A 75 -5.43 -13.01 1.86
N TRP A 76 -4.49 -12.70 2.75
CA TRP A 76 -4.16 -13.56 3.88
C TRP A 76 -5.31 -13.65 4.90
N MET A 77 -6.22 -12.69 4.86
CA MET A 77 -7.40 -12.70 5.72
C MET A 77 -8.53 -13.52 5.08
N GLN A 78 -8.70 -13.37 3.77
CA GLN A 78 -9.70 -14.13 3.02
C GLN A 78 -9.03 -15.26 2.25
N GLN A 79 -8.52 -16.25 2.98
CA GLN A 79 -7.77 -17.36 2.38
C GLN A 79 -8.65 -18.38 1.65
N ALA A 80 -9.92 -18.44 2.04
CA ALA A 80 -10.90 -19.30 1.36
C ALA A 80 -11.28 -18.77 -0.04
N TYR A 81 -10.76 -17.59 -0.39
CA TYR A 81 -11.12 -16.93 -1.65
C TYR A 81 -9.91 -16.59 -2.53
N LYS A 82 -9.00 -17.56 -2.67
CA LYS A 82 -7.79 -17.38 -3.45
C LYS A 82 -8.06 -17.46 -4.95
N GLY A 83 -7.68 -16.42 -5.67
CA GLY A 83 -7.99 -16.28 -7.10
C GLY A 83 -9.36 -15.65 -7.31
N LYS A 84 -10.10 -15.46 -6.21
CA LYS A 84 -11.48 -14.96 -6.26
C LYS A 84 -11.67 -13.67 -5.46
N PHE A 85 -10.57 -13.00 -5.11
CA PHE A 85 -10.64 -11.84 -4.23
C PHE A 85 -9.87 -10.62 -4.74
N VAL A 86 -8.55 -10.63 -4.59
CA VAL A 86 -7.71 -9.49 -4.96
C VAL A 86 -7.13 -9.67 -6.35
N THR A 87 -7.20 -8.60 -7.14
CA THR A 87 -6.46 -8.50 -8.39
C THR A 87 -5.47 -7.37 -8.21
N TYR A 88 -4.21 -7.62 -8.55
CA TYR A 88 -3.16 -6.62 -8.45
C TYR A 88 -2.62 -6.23 -9.81
N VAL A 89 -2.61 -4.92 -10.07
CA VAL A 89 -2.06 -4.37 -11.30
C VAL A 89 -0.82 -3.55 -10.96
N GLY A 90 0.21 -3.73 -11.77
CA GLY A 90 1.47 -3.03 -11.60
C GLY A 90 2.35 -3.34 -12.78
N CYS A 91 3.62 -2.97 -12.70
CA CYS A 91 4.54 -3.23 -13.80
C CYS A 91 5.84 -3.90 -13.34
N ILE A 92 6.05 -5.14 -13.77
CA ILE A 92 7.31 -5.84 -13.56
C ILE A 92 8.03 -6.02 -14.89
N ALA A 93 9.13 -6.76 -14.87
CA ALA A 93 9.80 -7.19 -16.10
C ALA A 93 9.77 -8.70 -16.12
N ASP A 94 9.86 -9.29 -17.31
CA ASP A 94 9.87 -10.74 -17.43
C ASP A 94 11.25 -11.33 -17.13
N ASP A 95 11.95 -10.73 -16.16
CA ASP A 95 13.23 -11.24 -15.68
C ASP A 95 13.02 -12.15 -14.47
N ARG A 96 14.12 -12.65 -13.91
CA ARG A 96 14.03 -13.63 -12.81
C ARG A 96 13.45 -13.07 -11.52
N TYR A 97 13.67 -11.77 -11.29
CA TYR A 97 13.07 -11.07 -10.15
C TYR A 97 11.56 -10.93 -10.34
N GLY A 98 11.13 -10.73 -11.58
CA GLY A 98 9.72 -10.60 -11.93
C GLY A 98 8.92 -11.89 -11.80
N LYS A 99 9.54 -13.01 -12.21
CA LYS A 99 8.92 -14.34 -12.10
C LYS A 99 8.64 -14.70 -10.65
N VAL A 100 9.67 -14.60 -9.81
CA VAL A 100 9.55 -14.88 -8.38
C VAL A 100 8.45 -14.02 -7.74
N LEU A 101 8.39 -12.75 -8.14
CA LEU A 101 7.37 -11.81 -7.64
C LEU A 101 5.97 -12.23 -8.07
N LYS A 102 5.74 -12.37 -9.38
CA LYS A 102 4.44 -12.79 -9.91
C LYS A 102 4.03 -14.15 -9.35
N GLU A 103 4.95 -15.11 -9.38
CA GLU A 103 4.69 -16.50 -8.99
C GLU A 103 4.45 -16.67 -7.49
N ALA A 104 5.09 -15.85 -6.66
CA ALA A 104 4.92 -15.91 -5.21
C ALA A 104 3.72 -15.10 -4.71
N ALA A 105 3.19 -14.23 -5.58
CA ALA A 105 2.00 -13.44 -5.26
C ALA A 105 0.74 -14.17 -5.69
N GLU A 106 0.80 -14.83 -6.84
CA GLU A 106 -0.30 -15.65 -7.32
C GLU A 106 -0.56 -16.83 -6.38
N HIS A 107 0.53 -17.48 -5.97
CA HIS A 107 0.48 -18.63 -5.08
C HIS A 107 -0.21 -18.32 -3.75
N GLU A 108 -0.15 -17.05 -3.33
CA GLU A 108 -0.83 -16.62 -2.12
C GLU A 108 -2.30 -16.30 -2.37
N GLY A 109 -2.67 -16.19 -3.65
CA GLY A 109 -4.07 -16.05 -4.05
C GLY A 109 -4.43 -14.75 -4.72
N ILE A 110 -3.43 -13.98 -5.14
CA ILE A 110 -3.65 -12.71 -5.81
C ILE A 110 -3.62 -12.93 -7.32
N VAL A 111 -4.62 -12.40 -8.01
CA VAL A 111 -4.56 -12.36 -9.47
C VAL A 111 -3.60 -11.24 -9.86
N MET A 112 -2.51 -11.61 -10.54
CA MET A 112 -1.50 -10.64 -10.93
C MET A 112 -1.67 -10.21 -12.39
N ALA A 113 -2.48 -9.18 -12.60
CA ALA A 113 -2.66 -8.59 -13.92
C ALA A 113 -1.60 -7.51 -14.13
N VAL A 114 -0.34 -7.92 -13.99
CA VAL A 114 0.81 -7.02 -14.07
C VAL A 114 1.36 -6.90 -15.49
N GLU A 115 1.97 -5.76 -15.80
CA GLU A 115 2.61 -5.55 -17.08
C GLU A 115 4.03 -6.11 -17.08
N HIS A 116 4.47 -6.56 -18.25
CA HIS A 116 5.87 -6.95 -18.45
C HIS A 116 6.51 -5.96 -19.43
N THR A 117 7.38 -5.09 -18.91
CA THR A 117 8.14 -4.19 -19.75
C THR A 117 9.55 -4.72 -20.01
N THR A 118 10.18 -4.22 -21.06
CA THR A 118 11.56 -4.56 -21.40
C THR A 118 12.46 -3.33 -21.17
N LYS A 119 11.83 -2.18 -20.96
CA LYS A 119 12.52 -0.89 -20.85
C LYS A 119 13.28 -0.71 -19.54
N ALA A 120 13.03 -1.59 -18.57
CA ALA A 120 13.73 -1.60 -17.28
C ALA A 120 13.55 -2.96 -16.59
N GLY A 121 14.44 -3.27 -15.65
CA GLY A 121 14.34 -4.50 -14.87
C GLY A 121 13.29 -4.38 -13.79
N SER A 122 12.82 -5.52 -13.28
CA SER A 122 11.78 -5.55 -12.25
C SER A 122 12.18 -4.77 -11.01
N GLY A 123 11.22 -4.02 -10.47
CA GLY A 123 11.44 -3.27 -9.24
C GLY A 123 11.82 -4.18 -8.09
N ALA A 124 12.84 -3.77 -7.33
CA ALA A 124 13.35 -4.58 -6.23
C ALA A 124 13.80 -3.71 -5.08
N CYS A 125 13.75 -4.27 -3.87
CA CYS A 125 14.20 -3.59 -2.67
C CYS A 125 15.16 -4.50 -1.89
N ALA A 126 16.38 -4.02 -1.69
CA ALA A 126 17.35 -4.73 -0.87
C ALA A 126 17.00 -4.50 0.60
N VAL A 127 16.49 -5.53 1.26
CA VAL A 127 16.15 -5.45 2.67
C VAL A 127 17.32 -5.99 3.47
N CYS A 128 18.11 -5.08 4.02
CA CYS A 128 19.32 -5.43 4.73
C CYS A 128 19.04 -5.53 6.23
N ILE A 129 19.01 -6.77 6.73
CA ILE A 129 18.66 -7.02 8.12
C ILE A 129 19.91 -7.17 8.99
N THR A 130 19.90 -6.48 10.12
CA THR A 130 20.93 -6.58 11.14
C THR A 130 20.24 -6.69 12.49
N GLY A 131 20.11 -7.93 12.98
CA GLY A 131 19.32 -8.19 14.18
C GLY A 131 17.85 -7.95 13.91
N LYS A 132 17.27 -6.98 14.60
CA LYS A 132 15.87 -6.59 14.37
C LYS A 132 15.77 -5.19 13.73
N GLU A 133 16.78 -4.84 12.96
CA GLU A 133 16.83 -3.56 12.27
C GLU A 133 16.97 -3.79 10.76
N ARG A 134 16.16 -3.06 9.99
CA ARG A 134 16.15 -3.21 8.54
C ARG A 134 16.55 -1.94 7.81
N THR A 135 17.53 -2.06 6.92
CA THR A 135 17.99 -0.94 6.08
C THR A 135 17.56 -1.20 4.64
N LEU A 136 16.81 -0.26 4.08
CA LEU A 136 16.20 -0.45 2.76
C LEU A 136 16.89 0.32 1.63
N VAL A 137 17.15 -0.40 0.54
CA VAL A 137 17.66 0.18 -0.69
C VAL A 137 16.71 -0.21 -1.82
N ALA A 138 15.93 0.74 -2.30
CA ALA A 138 14.89 0.47 -3.29
C ALA A 138 15.26 0.95 -4.68
N ASP A 139 15.02 0.09 -5.67
CA ASP A 139 15.12 0.47 -7.07
C ASP A 139 13.74 0.32 -7.71
N LEU A 140 13.15 1.44 -8.10
CA LEU A 140 11.79 1.45 -8.64
C LEU A 140 11.68 0.66 -9.95
N GLY A 141 12.63 0.87 -10.85
CA GLY A 141 12.72 0.13 -12.10
C GLY A 141 11.43 0.05 -12.88
N ALA A 142 11.04 -1.17 -13.23
CA ALA A 142 9.91 -1.46 -14.11
C ALA A 142 8.59 -0.84 -13.65
N ALA A 143 8.43 -0.76 -12.33
CA ALA A 143 7.20 -0.23 -11.71
C ALA A 143 6.79 1.13 -12.26
N ASN A 144 7.77 2.00 -12.51
CA ASN A 144 7.52 3.33 -13.07
C ASN A 144 7.10 3.36 -14.54
N HIS A 145 7.26 2.22 -15.22
CA HIS A 145 6.99 2.13 -16.66
C HIS A 145 5.65 1.52 -16.97
N LEU A 146 4.73 1.59 -16.02
CA LEU A 146 3.34 1.19 -16.24
C LEU A 146 2.79 2.10 -17.33
N SER A 147 2.21 1.49 -18.35
CA SER A 147 1.86 2.18 -19.58
C SER A 147 0.35 2.23 -19.79
N SER A 148 -0.07 3.21 -20.60
CA SER A 148 -1.46 3.34 -21.03
C SER A 148 -1.92 2.11 -21.81
N GLU A 149 -0.96 1.48 -22.51
CA GLU A 149 -1.22 0.27 -23.28
C GLU A 149 -1.72 -0.89 -22.41
N HIS A 150 -1.05 -1.10 -21.28
CA HIS A 150 -1.45 -2.14 -20.33
C HIS A 150 -2.79 -1.82 -19.67
N MET A 151 -3.05 -0.54 -19.40
CA MET A 151 -4.29 -0.13 -18.75
C MET A 151 -5.50 -0.24 -19.69
N ARG A 152 -5.23 -0.22 -20.99
CA ARG A 152 -6.25 -0.45 -22.02
C ARG A 152 -6.49 -1.94 -22.24
N SER A 153 -5.46 -2.74 -21.96
CA SER A 153 -5.50 -4.18 -22.26
C SER A 153 -6.73 -4.86 -21.67
N PRO A 154 -7.34 -5.81 -22.43
CA PRO A 154 -8.55 -6.52 -22.00
C PRO A 154 -8.49 -7.05 -20.57
N ALA A 155 -7.30 -7.47 -20.12
CA ALA A 155 -7.12 -8.06 -18.79
C ALA A 155 -7.38 -7.06 -17.67
N VAL A 156 -6.85 -5.86 -17.80
CA VAL A 156 -7.00 -4.83 -16.77
C VAL A 156 -8.39 -4.20 -16.77
N VAL A 157 -8.92 -3.93 -17.97
CA VAL A 157 -10.26 -3.39 -18.13
C VAL A 157 -11.31 -4.32 -17.49
N ARG A 158 -11.21 -5.62 -17.77
CA ARG A 158 -12.11 -6.63 -17.19
C ARG A 158 -11.91 -6.73 -15.68
N ALA A 159 -10.64 -6.80 -15.24
CA ALA A 159 -10.29 -6.84 -13.83
C ALA A 159 -10.97 -5.70 -13.07
N MET A 160 -10.97 -4.51 -13.69
CA MET A 160 -11.64 -3.34 -13.15
C MET A 160 -13.16 -3.48 -13.21
N ASP A 161 -13.68 -4.03 -14.32
CA ASP A 161 -15.11 -4.21 -14.51
C ASP A 161 -15.71 -5.19 -13.50
N GLU A 162 -14.92 -6.19 -13.12
CA GLU A 162 -15.35 -7.23 -12.18
C GLU A 162 -15.05 -6.89 -10.72
N SER A 163 -14.38 -5.76 -10.49
CA SER A 163 -14.05 -5.30 -9.13
C SER A 163 -15.09 -4.34 -8.55
N ARG A 164 -15.24 -4.36 -7.23
CA ARG A 164 -16.15 -3.45 -6.52
C ARG A 164 -15.44 -2.57 -5.50
N ILE A 165 -14.19 -2.90 -5.18
CA ILE A 165 -13.37 -2.06 -4.31
C ILE A 165 -12.02 -1.77 -4.98
N PHE A 166 -11.64 -0.49 -5.00
CA PHE A 166 -10.42 -0.05 -5.66
C PHE A 166 -9.47 0.60 -4.67
N TYR A 167 -8.31 -0.01 -4.46
CA TYR A 167 -7.28 0.58 -3.62
C TYR A 167 -6.08 1.03 -4.44
N PHE A 168 -5.71 2.29 -4.25
CA PHE A 168 -4.54 2.86 -4.88
C PHE A 168 -3.65 3.48 -3.81
N SER A 169 -2.37 3.13 -3.83
CA SER A 169 -1.39 3.82 -3.00
C SER A 169 -1.11 5.18 -3.64
N GLY A 170 -0.58 6.11 -2.85
CA GLY A 170 -0.24 7.44 -3.36
C GLY A 170 0.85 7.39 -4.41
N PHE A 171 1.64 6.31 -4.39
CA PHE A 171 2.77 6.13 -5.30
C PHE A 171 2.36 6.01 -6.76
N THR A 172 1.10 5.65 -7.01
CA THR A 172 0.57 5.52 -8.36
C THR A 172 0.45 6.88 -9.06
N LEU A 173 0.39 7.93 -8.24
CA LEU A 173 0.30 9.31 -8.70
C LEU A 173 1.67 9.86 -9.15
N THR A 174 2.74 9.19 -8.70
CA THR A 174 4.10 9.55 -9.11
C THR A 174 4.43 8.99 -10.49
N VAL A 175 3.68 7.98 -10.92
CA VAL A 175 3.86 7.34 -12.23
C VAL A 175 3.09 8.11 -13.29
N ASP A 176 1.77 7.89 -13.35
CA ASP A 176 0.89 8.57 -14.29
C ASP A 176 -0.54 8.63 -13.75
N VAL A 177 -1.03 9.84 -13.52
CA VAL A 177 -2.33 10.07 -12.91
C VAL A 177 -3.49 9.48 -13.71
N ASN A 178 -3.38 9.52 -15.04
CA ASN A 178 -4.43 9.00 -15.93
C ASN A 178 -4.75 7.52 -15.70
N HIS A 179 -3.74 6.73 -15.32
CA HIS A 179 -3.96 5.33 -14.94
C HIS A 179 -4.91 5.23 -13.76
N VAL A 180 -4.69 6.11 -12.78
CA VAL A 180 -5.53 6.19 -11.58
C VAL A 180 -6.92 6.68 -11.96
N LEU A 181 -6.98 7.70 -12.81
CA LEU A 181 -8.24 8.30 -13.24
C LEU A 181 -9.10 7.36 -14.09
N GLN A 182 -8.47 6.37 -14.72
CA GLN A 182 -9.20 5.30 -15.42
C GLN A 182 -9.95 4.43 -14.43
N ALA A 183 -9.32 4.14 -13.29
CA ALA A 183 -9.94 3.36 -12.21
C ALA A 183 -10.98 4.16 -11.44
N CYS A 184 -10.76 5.47 -11.35
CA CYS A 184 -11.69 6.39 -10.71
C CYS A 184 -13.01 6.39 -11.45
N ARG A 185 -12.92 6.46 -12.78
CA ARG A 185 -14.10 6.38 -13.65
C ARG A 185 -14.72 5.00 -13.52
N LYS A 186 -13.88 3.97 -13.44
CA LYS A 186 -14.36 2.59 -13.36
C LYS A 186 -15.12 2.32 -12.06
N ALA A 187 -14.70 2.96 -10.97
CA ALA A 187 -15.42 2.88 -9.69
C ALA A 187 -16.78 3.57 -9.75
N ARG A 188 -16.88 4.63 -10.55
CA ARG A 188 -18.15 5.30 -10.80
C ARG A 188 -19.10 4.36 -11.56
N GLU A 189 -18.56 3.67 -12.56
CA GLU A 189 -19.34 2.78 -13.42
C GLU A 189 -19.84 1.54 -12.69
N VAL A 190 -18.94 0.86 -11.97
CA VAL A 190 -19.31 -0.38 -11.26
C VAL A 190 -19.97 -0.09 -9.91
N ASP A 191 -20.19 1.19 -9.63
CA ASP A 191 -20.74 1.66 -8.35
C ASP A 191 -19.88 1.22 -7.17
N GLY A 192 -18.63 0.85 -7.48
CA GLY A 192 -17.68 0.40 -6.48
C GLY A 192 -17.15 1.54 -5.64
N LEU A 193 -16.11 1.24 -4.87
CA LEU A 193 -15.58 2.20 -3.92
C LEU A 193 -14.11 2.47 -4.21
N PHE A 194 -13.74 3.75 -4.23
CA PHE A 194 -12.37 4.15 -4.53
C PHE A 194 -11.63 4.62 -3.28
N MET A 195 -10.55 3.92 -2.96
CA MET A 195 -9.76 4.18 -1.77
C MET A 195 -8.34 4.57 -2.14
N ILE A 196 -7.83 5.63 -1.52
CA ILE A 196 -6.41 5.95 -1.62
C ILE A 196 -5.71 5.83 -0.28
N ASN A 197 -4.43 5.53 -0.34
CA ASN A 197 -3.54 5.68 0.78
C ASN A 197 -2.63 6.83 0.43
N LEU A 198 -2.55 7.84 1.29
CA LEU A 198 -1.69 8.99 1.03
C LEU A 198 -0.21 8.59 0.95
N SER A 199 0.10 7.41 1.51
CA SER A 199 1.38 6.68 1.31
C SER A 199 2.66 7.32 1.84
N ALA A 200 2.82 8.62 1.65
CA ALA A 200 4.01 9.35 2.07
C ALA A 200 3.78 10.87 2.02
N PRO A 201 4.39 11.62 2.97
CA PRO A 201 4.26 13.08 2.96
C PRO A 201 4.61 13.75 1.63
N PHE A 202 5.64 13.25 0.94
CA PHE A 202 6.11 13.89 -0.29
C PHE A 202 5.07 13.86 -1.43
N ILE A 203 4.09 12.98 -1.33
CA ILE A 203 2.98 12.92 -2.29
C ILE A 203 2.20 14.22 -2.23
N MET A 204 1.85 14.65 -1.01
CA MET A 204 1.12 15.91 -0.79
C MET A 204 1.96 17.14 -1.09
N GLN A 205 3.28 17.01 -1.02
CA GLN A 205 4.16 18.15 -1.23
C GLN A 205 4.55 18.30 -2.70
N PHE A 206 4.95 17.21 -3.34
CA PHE A 206 5.50 17.26 -4.69
C PHE A 206 4.53 16.80 -5.78
N PHE A 207 3.51 16.03 -5.40
CA PHE A 207 2.56 15.50 -6.37
C PHE A 207 1.12 15.90 -6.02
N SER A 208 0.99 17.11 -5.46
CA SER A 208 -0.30 17.63 -5.03
C SER A 208 -1.31 17.80 -6.16
N ALA A 209 -0.84 18.18 -7.34
CA ALA A 209 -1.71 18.35 -8.51
C ALA A 209 -2.36 17.03 -8.90
N GLN A 210 -1.56 15.96 -8.93
CA GLN A 210 -2.03 14.61 -9.28
C GLN A 210 -3.05 14.11 -8.28
N LEU A 211 -2.74 14.26 -6.99
CA LEU A 211 -3.63 13.92 -5.90
C LEU A 211 -4.97 14.67 -6.00
N GLY A 212 -4.90 15.97 -6.25
CA GLY A 212 -6.10 16.81 -6.36
C GLY A 212 -7.06 16.44 -7.47
N GLU A 213 -6.55 15.78 -8.50
CA GLU A 213 -7.36 15.30 -9.63
C GLU A 213 -8.08 14.00 -9.29
N VAL A 214 -7.60 13.33 -8.25
CA VAL A 214 -8.10 12.00 -7.85
C VAL A 214 -8.99 12.09 -6.61
N LEU A 215 -8.82 13.16 -5.83
CA LEU A 215 -9.57 13.36 -4.60
C LEU A 215 -11.11 13.41 -4.75
N PRO A 216 -11.65 14.16 -5.75
CA PRO A 216 -13.11 14.15 -5.93
C PRO A 216 -13.69 12.74 -6.09
N TYR A 217 -12.91 11.83 -6.66
CA TYR A 217 -13.33 10.45 -6.88
C TYR A 217 -13.04 9.55 -5.69
N THR A 218 -12.25 10.06 -4.74
CA THR A 218 -11.83 9.25 -3.60
C THR A 218 -12.90 9.22 -2.51
N ASP A 219 -13.40 8.02 -2.23
CA ASP A 219 -14.37 7.80 -1.18
C ASP A 219 -13.68 7.70 0.17
N ILE A 220 -12.67 6.83 0.27
CA ILE A 220 -11.95 6.67 1.53
C ILE A 220 -10.47 7.09 1.44
N ILE A 221 -10.11 8.09 2.23
CA ILE A 221 -8.73 8.57 2.32
C ILE A 221 -8.08 7.98 3.57
N VAL A 222 -7.00 7.21 3.36
CA VAL A 222 -6.28 6.57 4.46
C VAL A 222 -4.85 7.09 4.55
N ALA A 223 -4.43 7.48 5.76
CA ALA A 223 -3.08 8.00 5.99
C ALA A 223 -2.67 7.84 7.45
N ASN A 224 -1.39 8.07 7.72
CA ASN A 224 -0.89 8.18 9.09
C ASN A 224 -0.75 9.65 9.51
N ARG A 225 -0.33 9.89 10.75
CA ARG A 225 -0.20 11.24 11.32
C ARG A 225 0.61 12.19 10.43
N HIS A 226 1.74 11.70 9.93
CA HIS A 226 2.68 12.53 9.16
C HIS A 226 2.16 12.83 7.76
N GLU A 227 1.49 11.84 7.17
CA GLU A 227 0.83 11.99 5.88
C GLU A 227 -0.38 12.92 6.02
N ALA A 228 -1.11 12.77 7.13
CA ALA A 228 -2.26 13.61 7.45
C ALA A 228 -1.87 15.08 7.61
N LYS A 229 -0.74 15.31 8.27
CA LYS A 229 -0.27 16.66 8.56
C LYS A 229 0.18 17.42 7.30
N GLU A 230 0.88 16.74 6.40
CA GLU A 230 1.33 17.34 5.14
C GLU A 230 0.15 17.59 4.20
N PHE A 231 -0.91 16.80 4.38
CA PHE A 231 -2.17 17.02 3.67
C PHE A 231 -2.76 18.37 4.09
N ALA A 232 -2.74 18.64 5.40
CA ALA A 232 -3.18 19.93 5.93
C ALA A 232 -2.30 21.07 5.43
N ASN A 233 -1.01 20.80 5.28
CA ASN A 233 -0.07 21.76 4.71
C ASN A 233 -0.39 22.05 3.25
N MET A 234 -0.74 20.99 2.52
CA MET A 234 -1.14 21.10 1.11
C MET A 234 -2.39 21.96 0.97
N MET A 235 -3.33 21.72 1.89
CA MET A 235 -4.63 22.38 1.91
C MET A 235 -4.59 23.79 2.51
N LYS A 236 -3.47 24.12 3.17
CA LYS A 236 -3.32 25.38 3.93
C LYS A 236 -4.12 25.39 5.24
N TRP A 237 -4.36 24.21 5.79
CA TRP A 237 -4.96 24.07 7.11
C TRP A 237 -3.89 24.16 8.19
N ASP A 238 -3.69 25.35 8.74
CA ASP A 238 -2.69 25.56 9.77
C ASP A 238 -3.13 24.97 11.11
N THR A 239 -2.97 23.65 11.22
CA THR A 239 -3.32 22.90 12.43
C THR A 239 -2.53 21.58 12.50
N ASP A 240 -2.23 21.15 13.72
CA ASP A 240 -1.63 19.82 13.93
C ASP A 240 -2.57 18.90 14.71
N CYS A 241 -3.83 19.32 14.80
CA CYS A 241 -4.89 18.50 15.37
C CYS A 241 -5.41 17.55 14.29
N VAL A 242 -5.01 16.29 14.38
CA VAL A 242 -5.28 15.29 13.33
C VAL A 242 -6.78 15.07 13.09
N GLU A 243 -7.57 15.13 14.17
CA GLU A 243 -9.02 14.98 14.10
C GLU A 243 -9.67 16.14 13.33
N GLU A 244 -9.20 17.36 13.61
CA GLU A 244 -9.61 18.54 12.86
C GLU A 244 -9.33 18.38 11.36
N ILE A 245 -8.13 17.92 11.04
CA ILE A 245 -7.73 17.66 9.65
C ILE A 245 -8.66 16.64 9.01
N ALA A 246 -9.01 15.59 9.76
CA ALA A 246 -9.91 14.55 9.28
C ALA A 246 -11.30 15.09 8.94
N ARG A 247 -11.86 15.94 9.81
CA ARG A 247 -13.20 16.49 9.58
C ARG A 247 -13.24 17.41 8.36
N ARG A 248 -12.16 18.15 8.14
CA ARG A 248 -12.05 19.06 6.99
C ARG A 248 -11.80 18.29 5.70
N ALA A 249 -11.23 17.10 5.82
CA ALA A 249 -11.01 16.22 4.66
C ALA A 249 -12.33 15.59 4.21
N VAL A 250 -13.32 15.60 5.09
CA VAL A 250 -14.66 15.10 4.80
C VAL A 250 -15.51 16.09 4.00
N SER A 251 -15.51 17.36 4.39
CA SER A 251 -16.41 18.35 3.80
C SER A 251 -15.73 19.50 3.04
N GLU A 252 -14.42 19.66 3.23
CA GLU A 252 -13.70 20.76 2.58
C GLU A 252 -12.77 20.29 1.45
N VAL A 253 -12.64 18.97 1.31
CA VAL A 253 -11.99 18.37 0.15
C VAL A 253 -13.09 17.91 -0.82
N PRO A 254 -13.03 18.37 -2.09
CA PRO A 254 -14.04 18.03 -3.09
C PRO A 254 -14.39 16.55 -3.14
N TYR A 255 -15.68 16.25 -3.27
CA TYR A 255 -16.17 14.87 -3.32
C TYR A 255 -17.44 14.75 -4.16
N THR A 256 -17.30 14.15 -5.33
CA THR A 256 -18.42 13.98 -6.27
C THR A 256 -19.02 12.58 -6.21
N GLY A 257 -18.54 11.76 -5.27
CA GLY A 257 -19.02 10.39 -5.10
C GLY A 257 -20.37 10.31 -4.40
N THR A 258 -20.91 9.10 -4.30
CA THR A 258 -22.24 8.90 -3.73
C THR A 258 -22.25 8.00 -2.49
N LYS A 259 -21.23 7.14 -2.39
CA LYS A 259 -21.10 6.20 -1.27
C LYS A 259 -20.82 6.91 0.06
N GLY A 260 -20.24 8.10 0.00
CA GLY A 260 -19.90 8.85 1.21
C GLY A 260 -18.41 8.86 1.50
N ARG A 261 -17.89 10.03 1.85
CA ARG A 261 -16.46 10.23 2.11
C ARG A 261 -16.05 9.80 3.51
N VAL A 262 -15.11 8.86 3.58
CA VAL A 262 -14.52 8.42 4.85
C VAL A 262 -13.05 8.84 4.90
N VAL A 263 -12.62 9.29 6.08
CA VAL A 263 -11.22 9.67 6.30
C VAL A 263 -10.65 8.90 7.48
N VAL A 264 -9.66 8.05 7.20
CA VAL A 264 -9.01 7.23 8.22
C VAL A 264 -7.57 7.72 8.42
N PHE A 265 -7.29 8.22 9.63
CA PHE A 265 -5.96 8.68 9.99
C PHE A 265 -5.40 7.87 11.16
N THR A 266 -4.39 7.05 10.88
CA THR A 266 -3.71 6.29 11.93
C THR A 266 -2.72 7.21 12.66
N ARG A 267 -2.52 6.96 13.94
CA ARG A 267 -1.61 7.78 14.74
C ARG A 267 -0.65 6.93 15.57
N ASP A 268 -0.01 5.95 14.92
CA ASP A 268 0.89 4.98 15.58
C ASP A 268 0.46 4.60 17.00
N ILE A 269 1.14 5.14 18.01
CA ILE A 269 0.85 4.87 19.42
C ILE A 269 -0.54 5.33 19.90
N GLU A 270 -1.08 6.34 19.21
CA GLU A 270 -2.38 6.91 19.57
C GLU A 270 -3.53 6.37 18.74
N SER A 271 -4.76 6.70 19.14
CA SER A 271 -5.98 6.20 18.50
C SER A 271 -6.09 6.60 17.04
N THR A 272 -6.67 5.69 16.25
CA THR A 272 -6.94 5.92 14.85
C THR A 272 -8.16 6.84 14.70
N VAL A 273 -7.96 7.97 14.03
CA VAL A 273 -9.04 8.89 13.75
C VAL A 273 -9.88 8.34 12.59
N LEU A 274 -11.20 8.31 12.78
CA LEU A 274 -12.14 7.89 11.76
C LEU A 274 -13.19 8.98 11.62
N ALA A 275 -13.32 9.52 10.39
CA ALA A 275 -14.23 10.62 10.15
C ALA A 275 -15.18 10.36 8.97
N THR A 276 -16.43 10.76 9.13
CA THR A 276 -17.42 10.72 8.06
C THR A 276 -18.21 12.03 8.05
N LYS A 277 -19.33 12.06 7.34
CA LYS A 277 -20.23 13.21 7.33
C LYS A 277 -21.05 13.29 8.62
N ASP A 278 -20.98 12.22 9.41
CA ASP A 278 -21.71 12.12 10.68
C ASP A 278 -20.84 12.48 11.89
N GLY A 279 -19.68 13.09 11.62
CA GLY A 279 -18.77 13.53 12.69
C GLY A 279 -17.47 12.75 12.75
N VAL A 280 -16.66 13.03 13.77
CA VAL A 280 -15.38 12.36 13.97
C VAL A 280 -15.48 11.35 15.12
N GLU A 281 -14.77 10.23 14.96
CA GLU A 281 -14.72 9.16 15.96
C GLU A 281 -13.31 8.59 16.07
N THR A 282 -12.85 8.33 17.28
CA THR A 282 -11.50 7.79 17.49
C THR A 282 -11.51 6.33 17.95
N VAL A 283 -10.77 5.49 17.23
CA VAL A 283 -10.66 4.06 17.54
C VAL A 283 -9.29 3.78 18.17
N PRO A 284 -9.26 3.56 19.50
CA PRO A 284 -8.00 3.35 20.23
C PRO A 284 -7.22 2.11 19.77
N VAL A 285 -5.92 2.28 19.57
CA VAL A 285 -5.03 1.21 19.17
C VAL A 285 -4.54 0.46 20.42
N PRO A 286 -4.53 -0.88 20.37
CA PRO A 286 -4.03 -1.68 21.50
C PRO A 286 -2.62 -1.32 21.94
N GLN A 287 -2.41 -1.23 23.25
CA GLN A 287 -1.09 -0.98 23.83
C GLN A 287 -0.14 -2.13 23.50
N LEU A 288 1.11 -1.79 23.19
CA LEU A 288 2.09 -2.76 22.74
C LEU A 288 3.43 -2.55 23.44
N ASP A 289 4.11 -3.65 23.76
CA ASP A 289 5.47 -3.59 24.31
C ASP A 289 6.47 -3.41 23.17
N GLN A 290 7.30 -2.37 23.26
CA GLN A 290 8.29 -2.04 22.24
C GLN A 290 9.46 -3.04 22.18
N ASP A 291 9.59 -3.86 23.22
CA ASP A 291 10.56 -4.96 23.22
C ASP A 291 9.95 -6.21 22.58
N LYS A 292 8.83 -6.01 21.88
CA LYS A 292 8.16 -7.07 21.11
C LYS A 292 7.93 -6.65 19.66
N VAL A 293 8.16 -5.38 19.38
CA VAL A 293 8.10 -4.84 18.02
C VAL A 293 9.35 -5.29 17.24
N ILE A 294 9.15 -6.06 16.18
CA ILE A 294 10.26 -6.47 15.31
C ILE A 294 10.68 -5.29 14.43
N ASP A 295 9.73 -4.77 13.64
CA ASP A 295 9.92 -3.51 12.92
C ASP A 295 8.60 -2.93 12.42
N MET A 296 8.53 -1.59 12.41
CA MET A 296 7.36 -0.85 11.93
C MET A 296 7.25 -0.85 10.39
N ASN A 297 8.09 -1.65 9.73
CA ASN A 297 8.05 -1.81 8.27
C ASN A 297 6.70 -2.29 7.78
N GLY A 298 6.06 -1.47 6.94
CA GLY A 298 4.74 -1.80 6.40
C GLY A 298 3.70 -2.07 7.46
N ALA A 299 3.76 -1.31 8.54
CA ALA A 299 2.72 -1.35 9.57
C ALA A 299 1.46 -0.67 9.03
N GLY A 300 1.66 0.39 8.26
CA GLY A 300 0.57 1.09 7.56
C GLY A 300 0.06 0.31 6.37
N ASP A 301 0.91 -0.53 5.80
CA ASP A 301 0.52 -1.46 4.74
C ASP A 301 -0.33 -2.59 5.29
N ALA A 302 0.05 -3.09 6.47
CA ALA A 302 -0.66 -4.16 7.14
C ALA A 302 -1.99 -3.68 7.74
N PHE A 303 -2.02 -2.42 8.20
CA PHE A 303 -3.26 -1.80 8.64
C PHE A 303 -4.24 -1.74 7.46
N MET A 304 -3.73 -1.28 6.32
CA MET A 304 -4.52 -1.12 5.12
C MET A 304 -5.00 -2.44 4.54
N GLY A 305 -4.18 -3.48 4.69
CA GLY A 305 -4.54 -4.83 4.27
C GLY A 305 -5.67 -5.41 5.09
N GLY A 306 -5.59 -5.23 6.42
CA GLY A 306 -6.64 -5.69 7.33
C GLY A 306 -7.93 -4.91 7.21
N PHE A 307 -7.80 -3.59 7.01
CA PHE A 307 -8.94 -2.70 6.80
C PHE A 307 -9.72 -3.06 5.53
N LEU A 308 -9.00 -3.50 4.50
CA LEU A 308 -9.61 -3.88 3.23
C LEU A 308 -10.43 -5.15 3.34
N SER A 309 -9.80 -6.21 3.87
CA SER A 309 -10.45 -7.51 4.03
C SER A 309 -11.73 -7.42 4.84
N ALA A 310 -11.78 -6.46 5.76
CA ALA A 310 -12.96 -6.22 6.59
C ALA A 310 -14.05 -5.46 5.83
N TYR A 311 -13.64 -4.52 4.97
CA TYR A 311 -14.58 -3.76 4.16
C TYR A 311 -15.17 -4.65 3.08
N ALA A 312 -14.33 -5.54 2.55
CA ALA A 312 -14.73 -6.47 1.49
C ALA A 312 -15.79 -7.47 1.92
N VAL A 313 -15.82 -7.81 3.22
CA VAL A 313 -16.87 -8.67 3.77
C VAL A 313 -18.02 -7.85 4.38
N GLY A 314 -17.95 -6.53 4.22
CA GLY A 314 -19.04 -5.64 4.59
C GLY A 314 -19.13 -5.26 6.06
N LYS A 315 -18.02 -5.36 6.78
CA LYS A 315 -17.97 -4.93 8.18
C LYS A 315 -18.04 -3.41 8.25
N ASP A 316 -18.55 -2.89 9.35
CA ASP A 316 -18.67 -1.44 9.55
C ASP A 316 -17.30 -0.78 9.67
N LEU A 317 -17.26 0.54 9.49
CA LEU A 317 -16.02 1.31 9.44
C LEU A 317 -15.12 1.15 10.68
N ARG A 318 -15.72 1.16 11.86
CA ARG A 318 -15.00 0.93 13.11
C ARG A 318 -14.40 -0.46 13.14
N ARG A 319 -15.20 -1.46 12.77
CA ARG A 319 -14.77 -2.86 12.73
C ARG A 319 -13.58 -3.04 11.79
N CYS A 320 -13.54 -2.24 10.72
CA CYS A 320 -12.47 -2.29 9.73
C CYS A 320 -11.16 -1.76 10.30
N CYS A 321 -11.25 -0.68 11.10
CA CYS A 321 -10.10 -0.08 11.74
C CYS A 321 -9.46 -1.02 12.77
N GLU A 322 -10.31 -1.79 13.46
CA GLU A 322 -9.85 -2.77 14.44
C GLU A 322 -9.20 -3.98 13.76
N THR A 323 -9.74 -4.39 12.61
CA THR A 323 -9.16 -5.46 11.81
C THR A 323 -7.82 -5.02 11.25
N GLY A 324 -7.70 -3.72 10.99
CA GLY A 324 -6.46 -3.10 10.55
C GLY A 324 -5.42 -3.11 11.66
N HIS A 325 -5.86 -2.74 12.87
CA HIS A 325 -5.00 -2.76 14.05
C HIS A 325 -4.43 -4.16 14.30
N TYR A 326 -5.29 -5.16 14.22
CA TYR A 326 -4.91 -6.56 14.46
C TYR A 326 -3.79 -7.01 13.52
N THR A 327 -3.99 -6.79 12.23
CA THR A 327 -3.03 -7.18 11.20
C THR A 327 -1.74 -6.37 11.28
N ALA A 328 -1.88 -5.07 11.54
CA ALA A 328 -0.73 -4.17 11.66
C ALA A 328 0.22 -4.63 12.76
N GLN A 329 -0.32 -4.90 13.94
CA GLN A 329 0.45 -5.33 15.09
C GLN A 329 0.98 -6.76 14.96
N GLU A 330 0.28 -7.57 14.18
CA GLU A 330 0.71 -8.94 13.89
C GLU A 330 1.94 -8.94 12.99
N VAL A 331 1.91 -8.11 11.96
CA VAL A 331 3.02 -7.94 11.02
C VAL A 331 4.18 -7.18 11.66
N ILE A 332 3.85 -6.30 12.62
CA ILE A 332 4.85 -5.62 13.44
C ILE A 332 5.72 -6.58 14.26
N GLN A 333 5.13 -7.70 14.68
CA GLN A 333 5.80 -8.67 15.55
C GLN A 333 6.35 -9.90 14.83
N ARG A 334 6.34 -9.88 13.49
CA ARG A 334 6.90 -10.96 12.68
C ARG A 334 8.38 -10.72 12.37
N LYS A 342 -2.19 -18.36 9.18
CA LYS A 342 -3.65 -18.23 9.21
C LYS A 342 -4.11 -17.29 10.33
N PRO A 343 -5.15 -16.46 10.06
CA PRO A 343 -5.61 -15.43 11.00
C PRO A 343 -6.29 -15.99 12.24
N SER A 344 -6.26 -15.23 13.33
CA SER A 344 -6.94 -15.61 14.57
C SER A 344 -7.70 -14.45 15.23
N PHE A 345 -8.50 -13.75 14.44
CA PHE A 345 -9.30 -12.61 14.92
C PHE A 345 -10.76 -12.70 14.45
#